data_7VPC
#
_entry.id   7VPC
#
_cell.length_a   98.643
_cell.length_b   49.464
_cell.length_c   119.494
_cell.angle_alpha   90.00
_cell.angle_beta   91.21
_cell.angle_gamma   90.00
#
_symmetry.space_group_name_H-M   'C 1 2 1'
#
loop_
_entity.id
_entity.type
_entity.pdbx_description
1 polymer 'Neryl-diphosphate synthase 1'
2 non-polymer 1,2-ETHANEDIOL
3 non-polymer D-MALATE
4 water water
#
_entity_poly.entity_id   1
_entity_poly.type   'polypeptide(L)'
_entity_poly.pdbx_seq_one_letter_code
;GTMSARGLNKISCSLNLQTEKLCYEDNDNDLDEELMPKHIALIMDGNRRWAKDKGLEVYEGHKHIIPKLKEICDISSKLG
IQIITAFAFSTENWKRSKEEVDFLLQMFEEIYDEFSRSGVRVSIIGCKSDLPMTLQKCIALTEETTKGNKGLHLVIALNY
GGYYDILQATKSIVNKAMNGLLDVEDINKNLFDQELESKCPNPDLLIRTGGEQRVSNFLLWQLAYTEFYFTNTLFPDFGE
EDLKEAIMNFQQRHRRFGGHTY
;
_entity_poly.pdbx_strand_id   A,B
#
loop_
_chem_comp.id
_chem_comp.type
_chem_comp.name
_chem_comp.formula
EDO non-polymer 1,2-ETHANEDIOL 'C2 H6 O2'
MLT non-polymer D-MALATE 'C4 H6 O5'
#
# COMPACT_ATOMS: atom_id res chain seq x y z
N SER A 12 -22.85 -4.99 -8.56
CA SER A 12 -23.24 -5.13 -7.12
C SER A 12 -22.00 -5.29 -6.25
N CYS A 13 -22.20 -5.31 -4.93
CA CYS A 13 -21.14 -5.47 -3.89
C CYS A 13 -21.80 -5.94 -2.60
N SER A 14 -21.04 -6.60 -1.75
CA SER A 14 -21.44 -7.07 -0.40
C SER A 14 -20.16 -7.37 0.37
N LEU A 15 -19.93 -6.66 1.50
CA LEU A 15 -18.70 -6.77 2.35
C LEU A 15 -19.00 -7.32 3.75
N ASN A 16 -20.28 -7.40 4.16
CA ASN A 16 -20.69 -7.61 5.59
C ASN A 16 -20.70 -9.10 5.96
N LEU A 17 -20.75 -10.01 4.98
CA LEU A 17 -20.76 -11.49 5.18
C LEU A 17 -19.53 -12.12 4.51
N GLN A 18 -18.52 -11.31 4.16
CA GLN A 18 -17.23 -11.77 3.56
C GLN A 18 -16.19 -12.01 4.66
N THR A 19 -15.98 -13.26 5.05
CA THR A 19 -15.05 -13.67 6.14
C THR A 19 -13.71 -14.06 5.51
N GLU A 20 -13.23 -15.29 5.74
CA GLU A 20 -11.99 -15.86 5.14
C GLU A 20 -10.76 -15.13 5.72
N LYS A 21 -10.14 -14.21 4.95
CA LYS A 21 -8.80 -13.61 5.21
C LYS A 21 -7.75 -14.41 4.41
N LEU A 22 -6.98 -13.73 3.55
CA LEU A 22 -5.87 -14.28 2.71
C LEU A 22 -4.97 -15.20 3.54
N CYS A 23 -4.76 -16.43 3.09
CA CYS A 23 -3.77 -17.43 3.62
C CYS A 23 -3.92 -17.59 5.14
N TYR A 24 -5.16 -17.80 5.61
CA TYR A 24 -5.54 -18.05 7.04
C TYR A 24 -5.05 -16.88 7.91
N LEU A 35 5.46 -14.44 16.56
CA LEU A 35 6.39 -13.48 17.21
C LEU A 35 7.61 -13.23 16.31
N MET A 36 8.06 -14.22 15.53
CA MET A 36 9.07 -14.04 14.44
C MET A 36 8.33 -13.72 13.14
N PRO A 37 8.69 -12.66 12.39
CA PRO A 37 8.06 -12.42 11.08
C PRO A 37 8.44 -13.52 10.07
N LYS A 38 7.45 -14.17 9.47
CA LYS A 38 7.66 -15.28 8.49
C LYS A 38 8.21 -14.75 7.15
N HIS A 39 7.76 -13.57 6.73
CA HIS A 39 8.04 -12.96 5.40
C HIS A 39 8.44 -11.49 5.64
N ILE A 40 9.62 -11.11 5.16
CA ILE A 40 10.11 -9.70 5.23
C ILE A 40 10.22 -9.17 3.81
N ALA A 41 9.66 -7.98 3.56
CA ALA A 41 9.86 -7.19 2.33
C ALA A 41 10.96 -6.16 2.57
N LEU A 42 11.89 -6.04 1.63
CA LEU A 42 13.09 -5.17 1.78
C LEU A 42 13.10 -4.15 0.65
N ILE A 43 13.16 -2.88 0.99
CA ILE A 43 13.53 -1.81 0.03
C ILE A 43 14.94 -1.40 0.38
N MET A 44 15.87 -1.78 -0.48
CA MET A 44 17.34 -1.69 -0.23
C MET A 44 17.87 -0.31 -0.67
N ASP A 45 17.38 0.75 -0.04
CA ASP A 45 17.75 2.13 -0.40
C ASP A 45 18.91 2.62 0.50
N GLY A 46 19.60 3.64 0.01
CA GLY A 46 20.74 4.31 0.68
C GLY A 46 22.10 4.09 -0.01
N ASN A 47 22.20 3.26 -1.06
CA ASN A 47 23.49 2.85 -1.68
C ASN A 47 24.16 4.03 -2.39
N ARG A 48 23.42 4.86 -3.13
CA ARG A 48 23.99 6.03 -3.86
C ARG A 48 24.50 7.04 -2.85
N ARG A 49 23.68 7.31 -1.85
CA ARG A 49 24.01 8.22 -0.72
C ARG A 49 25.27 7.66 -0.04
N TRP A 50 25.28 6.37 0.26
CA TRP A 50 26.45 5.71 0.90
C TRP A 50 27.73 6.00 0.09
N ALA A 51 27.67 5.93 -1.24
CA ALA A 51 28.85 6.07 -2.11
C ALA A 51 29.30 7.53 -2.09
N LYS A 52 28.34 8.45 -2.23
CA LYS A 52 28.63 9.91 -2.32
C LYS A 52 29.32 10.39 -1.04
N ASP A 53 28.90 9.94 0.14
CA ASP A 53 29.50 10.45 1.39
C ASP A 53 30.81 9.68 1.72
N LYS A 54 31.15 8.62 0.99
CA LYS A 54 32.52 8.04 1.00
C LYS A 54 33.38 8.69 -0.09
N GLY A 55 32.84 9.64 -0.88
CA GLY A 55 33.51 10.24 -2.06
C GLY A 55 33.68 9.25 -3.21
N LEU A 56 32.87 8.18 -3.24
CA LEU A 56 32.90 7.16 -4.32
C LEU A 56 31.83 7.44 -5.38
N GLU A 57 32.13 7.05 -6.63
CA GLU A 57 31.18 6.93 -7.77
C GLU A 57 29.97 6.12 -7.29
N VAL A 58 28.78 6.44 -7.84
CA VAL A 58 27.48 5.75 -7.55
C VAL A 58 27.65 4.24 -7.70
N TYR A 59 28.45 3.80 -8.68
CA TYR A 59 28.63 2.37 -9.04
C TYR A 59 29.21 1.58 -7.85
N GLU A 60 30.03 2.20 -7.01
CA GLU A 60 30.61 1.53 -5.81
C GLU A 60 29.52 1.20 -4.80
N GLY A 61 28.49 2.05 -4.68
CA GLY A 61 27.32 1.74 -3.83
C GLY A 61 26.51 0.58 -4.38
N HIS A 62 26.19 0.63 -5.67
CA HIS A 62 25.40 -0.41 -6.37
C HIS A 62 26.04 -1.79 -6.14
N LYS A 63 27.37 -1.88 -6.12
CA LYS A 63 28.11 -3.16 -5.98
C LYS A 63 27.85 -3.80 -4.62
N HIS A 64 27.34 -3.06 -3.64
CA HIS A 64 27.06 -3.64 -2.29
C HIS A 64 25.75 -4.43 -2.26
N ILE A 65 24.85 -4.21 -3.23
CA ILE A 65 23.43 -4.67 -3.13
C ILE A 65 23.38 -6.20 -3.05
N ILE A 66 23.88 -6.91 -4.05
CA ILE A 66 23.74 -8.39 -4.08
C ILE A 66 24.47 -9.05 -2.92
N PRO A 67 25.76 -8.76 -2.62
CA PRO A 67 26.44 -9.41 -1.50
C PRO A 67 25.79 -9.08 -0.14
N LYS A 68 25.30 -7.86 0.04
CA LYS A 68 24.52 -7.51 1.26
C LYS A 68 23.24 -8.33 1.31
N LEU A 69 22.54 -8.50 0.19
CA LEU A 69 21.28 -9.27 0.20
C LEU A 69 21.54 -10.72 0.62
N LYS A 70 22.60 -11.33 0.07
CA LYS A 70 23.04 -12.70 0.46
C LYS A 70 23.33 -12.75 1.98
N GLU A 71 24.10 -11.79 2.49
CA GLU A 71 24.40 -11.71 3.94
C GLU A 71 23.07 -11.65 4.70
N ILE A 72 22.12 -10.80 4.31
CA ILE A 72 20.83 -10.73 5.07
C ILE A 72 20.11 -12.07 4.99
N CYS A 73 20.14 -12.77 3.85
CA CYS A 73 19.43 -14.07 3.70
C CYS A 73 19.98 -15.07 4.72
N ASP A 74 21.30 -15.13 4.89
CA ASP A 74 21.96 -16.14 5.76
C ASP A 74 21.64 -15.85 7.22
N ILE A 75 21.70 -14.59 7.64
CA ILE A 75 21.29 -14.17 9.01
C ILE A 75 19.82 -14.53 9.20
N SER A 76 18.96 -14.10 8.27
CA SER A 76 17.50 -14.28 8.35
C SER A 76 17.18 -15.77 8.44
N SER A 77 17.86 -16.61 7.66
CA SER A 77 17.61 -18.07 7.66
C SER A 77 17.85 -18.63 9.07
N LYS A 78 18.85 -18.14 9.79
CA LYS A 78 19.16 -18.67 11.16
C LYS A 78 18.08 -18.23 12.14
N LEU A 79 17.47 -17.06 11.94
CA LEU A 79 16.44 -16.57 12.89
C LEU A 79 15.10 -17.26 12.61
N GLY A 80 14.99 -18.09 11.58
CA GLY A 80 13.75 -18.81 11.22
C GLY A 80 12.77 -17.98 10.36
N ILE A 81 13.25 -16.94 9.67
CA ILE A 81 12.46 -16.21 8.63
C ILE A 81 12.40 -17.12 7.39
N GLN A 82 11.23 -17.23 6.73
CA GLN A 82 11.01 -18.19 5.61
C GLN A 82 11.09 -17.51 4.26
N ILE A 83 10.72 -16.22 4.16
CA ILE A 83 10.63 -15.55 2.83
C ILE A 83 11.21 -14.15 2.91
N ILE A 84 12.02 -13.77 1.93
CA ILE A 84 12.43 -12.33 1.76
C ILE A 84 12.02 -11.94 0.34
N THR A 85 11.24 -10.86 0.21
CA THR A 85 10.99 -10.20 -1.09
C THR A 85 11.78 -8.90 -1.11
N ALA A 86 12.72 -8.77 -2.04
CA ALA A 86 13.66 -7.65 -2.10
C ALA A 86 13.42 -6.89 -3.40
N PHE A 87 13.31 -5.57 -3.31
CA PHE A 87 13.08 -4.65 -4.44
C PHE A 87 14.42 -4.33 -5.14
N ALA A 88 14.87 -5.16 -6.08
CA ALA A 88 16.21 -4.99 -6.70
C ALA A 88 16.19 -3.87 -7.74
N PHE A 89 15.19 -3.86 -8.63
CA PHE A 89 15.18 -2.95 -9.81
C PHE A 89 13.74 -2.50 -10.09
N SER A 90 13.43 -1.25 -9.72
CA SER A 90 12.08 -0.68 -9.98
C SER A 90 12.00 -0.23 -11.45
N THR A 91 10.78 -0.15 -11.96
CA THR A 91 10.49 0.41 -13.31
C THR A 91 11.05 1.83 -13.44
N GLU A 92 11.30 2.55 -12.34
CA GLU A 92 11.79 3.95 -12.37
C GLU A 92 13.25 4.00 -12.83
N ASN A 93 13.98 2.90 -12.69
CA ASN A 93 15.39 2.81 -13.11
C ASN A 93 15.52 3.10 -14.61
N TRP A 94 14.51 2.76 -15.42
CA TRP A 94 14.53 2.97 -16.89
C TRP A 94 14.64 4.45 -17.25
N LYS A 95 14.52 5.37 -16.29
CA LYS A 95 14.55 6.84 -16.51
C LYS A 95 15.94 7.43 -16.19
N ARG A 96 16.95 6.60 -15.96
CA ARG A 96 18.35 7.05 -15.68
C ARG A 96 19.20 6.88 -16.94
N SER A 97 20.32 7.60 -17.00
CA SER A 97 21.36 7.51 -18.05
C SER A 97 21.57 6.07 -18.50
N LYS A 98 21.66 5.85 -19.82
CA LYS A 98 21.95 4.52 -20.43
C LYS A 98 23.07 3.82 -19.65
N GLU A 99 24.20 4.50 -19.44
CA GLU A 99 25.40 3.91 -18.80
C GLU A 99 25.00 3.36 -17.42
N GLU A 100 24.16 4.08 -16.67
CA GLU A 100 23.75 3.65 -15.31
C GLU A 100 22.85 2.43 -15.42
N VAL A 101 21.85 2.46 -16.31
CA VAL A 101 20.91 1.31 -16.57
C VAL A 101 21.74 0.11 -17.02
N ASP A 102 22.60 0.34 -18.01
CA ASP A 102 23.53 -0.66 -18.60
C ASP A 102 24.37 -1.29 -17.49
N PHE A 103 25.02 -0.49 -16.63
CA PHE A 103 25.79 -0.98 -15.45
C PHE A 103 24.90 -1.92 -14.63
N LEU A 104 23.72 -1.44 -14.25
CA LEU A 104 22.79 -2.15 -13.33
C LEU A 104 22.36 -3.48 -13.96
N LEU A 105 21.96 -3.51 -15.24
CA LEU A 105 21.46 -4.76 -15.89
C LEU A 105 22.56 -5.81 -16.05
N GLN A 106 23.76 -5.36 -16.41
CA GLN A 106 25.04 -6.14 -16.34
C GLN A 106 25.25 -6.67 -14.91
N MET A 107 25.20 -5.79 -13.91
CA MET A 107 25.55 -6.10 -12.50
C MET A 107 24.69 -7.26 -11.97
N PHE A 108 23.41 -7.31 -12.33
CA PHE A 108 22.43 -8.28 -11.79
C PHE A 108 22.67 -9.67 -12.34
N GLU A 109 23.53 -9.83 -13.33
CA GLU A 109 23.97 -11.18 -13.77
C GLU A 109 24.67 -11.89 -12.61
N GLU A 110 25.28 -11.11 -11.70
CA GLU A 110 26.07 -11.60 -10.53
C GLU A 110 25.15 -12.32 -9.53
N ILE A 111 23.84 -12.26 -9.73
CA ILE A 111 22.85 -13.08 -8.96
C ILE A 111 23.20 -14.56 -9.10
N TYR A 112 23.69 -15.00 -10.28
CA TYR A 112 24.07 -16.41 -10.52
C TYR A 112 25.23 -16.79 -9.59
N ASP A 113 26.31 -16.03 -9.65
CA ASP A 113 27.56 -16.22 -8.86
C ASP A 113 27.23 -16.29 -7.37
N GLU A 114 26.40 -15.36 -6.86
CA GLU A 114 26.18 -15.20 -5.39
C GLU A 114 25.26 -16.31 -4.89
N PHE A 115 24.29 -16.75 -5.69
CA PHE A 115 23.19 -17.63 -5.20
C PHE A 115 23.24 -19.05 -5.77
N SER A 116 23.84 -19.31 -6.94
CA SER A 116 23.69 -20.65 -7.60
C SER A 116 24.26 -21.77 -6.72
N ARG A 117 25.28 -21.51 -5.92
CA ARG A 117 25.96 -22.56 -5.12
C ARG A 117 25.63 -22.35 -3.63
N SER A 118 24.60 -21.55 -3.33
CA SER A 118 24.10 -21.26 -1.96
C SER A 118 23.02 -22.28 -1.55
N GLY A 119 22.58 -22.19 -0.31
CA GLY A 119 21.41 -22.91 0.26
C GLY A 119 20.11 -22.09 0.20
N VAL A 120 20.09 -20.98 -0.55
CA VAL A 120 18.87 -20.11 -0.72
C VAL A 120 18.13 -20.52 -2.01
N ARG A 121 16.81 -20.73 -1.91
CA ARG A 121 15.88 -20.84 -3.07
C ARG A 121 15.55 -19.46 -3.64
N VAL A 122 15.89 -19.23 -4.91
CA VAL A 122 15.75 -17.89 -5.57
C VAL A 122 14.66 -17.94 -6.67
N SER A 123 13.61 -17.11 -6.55
CA SER A 123 12.65 -16.73 -7.63
C SER A 123 12.84 -15.28 -8.02
N ILE A 124 12.58 -14.95 -9.29
CA ILE A 124 12.46 -13.55 -9.78
C ILE A 124 10.98 -13.31 -10.13
N ILE A 125 10.49 -12.10 -9.84
CA ILE A 125 9.14 -11.59 -10.23
C ILE A 125 9.42 -10.28 -10.95
N GLY A 126 8.55 -9.92 -11.89
CA GLY A 126 8.80 -8.77 -12.76
C GLY A 126 8.75 -9.19 -14.20
N CYS A 127 8.94 -8.23 -15.10
CA CYS A 127 8.79 -8.42 -16.57
C CYS A 127 10.15 -8.78 -17.16
N LYS A 128 10.46 -10.07 -17.18
CA LYS A 128 11.76 -10.62 -17.65
C LYS A 128 12.02 -10.20 -19.10
N SER A 129 10.97 -10.21 -19.94
CA SER A 129 11.05 -9.98 -21.40
C SER A 129 11.82 -8.69 -21.72
N ASP A 130 11.79 -7.66 -20.85
CA ASP A 130 12.48 -6.36 -21.11
C ASP A 130 13.97 -6.41 -20.79
N LEU A 131 14.43 -7.51 -20.21
CA LEU A 131 15.84 -7.63 -19.74
C LEU A 131 16.67 -8.26 -20.85
N PRO A 132 17.96 -7.89 -21.01
CA PRO A 132 18.90 -8.61 -21.87
C PRO A 132 18.81 -10.13 -21.70
N MET A 133 18.97 -10.90 -22.78
CA MET A 133 18.72 -12.37 -22.76
C MET A 133 19.79 -13.03 -21.88
N THR A 134 20.98 -12.41 -21.80
CA THR A 134 22.08 -12.77 -20.87
C THR A 134 21.53 -12.75 -19.43
N LEU A 135 21.09 -11.58 -18.97
CA LEU A 135 20.37 -11.45 -17.66
C LEU A 135 19.22 -12.45 -17.59
N GLN A 136 18.38 -12.52 -18.64
CA GLN A 136 17.25 -13.49 -18.65
C GLN A 136 17.74 -14.92 -18.41
N LYS A 137 18.87 -15.31 -19.00
CA LYS A 137 19.35 -16.71 -18.91
C LYS A 137 19.99 -16.94 -17.54
N CYS A 138 20.79 -15.98 -17.04
CA CYS A 138 21.36 -16.04 -15.66
C CYS A 138 20.21 -16.24 -14.66
N ILE A 139 19.19 -15.38 -14.77
CA ILE A 139 17.95 -15.45 -13.94
C ILE A 139 17.38 -16.86 -14.04
N ALA A 140 17.18 -17.39 -15.25
CA ALA A 140 16.61 -18.73 -15.50
C ALA A 140 17.53 -19.82 -14.92
N LEU A 141 18.84 -19.73 -15.13
CA LEU A 141 19.81 -20.70 -14.52
C LEU A 141 19.70 -20.63 -12.99
N THR A 142 19.71 -19.41 -12.42
CA THR A 142 19.65 -19.22 -10.95
C THR A 142 18.42 -19.93 -10.37
N GLU A 143 17.25 -19.71 -10.96
CA GLU A 143 16.00 -20.33 -10.45
C GLU A 143 16.15 -21.85 -10.53
N GLU A 144 16.69 -22.34 -11.66
CA GLU A 144 16.80 -23.80 -11.94
C GLU A 144 17.72 -24.45 -10.90
N THR A 145 18.94 -23.94 -10.72
CA THR A 145 19.95 -24.59 -9.83
C THR A 145 19.51 -24.54 -8.36
N THR A 146 18.76 -23.50 -7.94
CA THR A 146 18.40 -23.29 -6.51
C THR A 146 17.04 -23.90 -6.19
N LYS A 147 16.28 -24.32 -7.22
CA LYS A 147 14.83 -24.69 -7.10
C LYS A 147 14.60 -25.72 -6.00
N GLY A 148 15.62 -26.52 -5.66
CA GLY A 148 15.49 -27.64 -4.70
C GLY A 148 15.90 -27.30 -3.28
N ASN A 149 16.40 -26.09 -3.04
CA ASN A 149 16.82 -25.66 -1.68
C ASN A 149 15.57 -25.51 -0.81
N LYS A 150 15.60 -26.03 0.42
CA LYS A 150 14.41 -26.11 1.30
C LYS A 150 14.48 -25.09 2.44
N GLY A 151 15.46 -24.18 2.41
CA GLY A 151 15.62 -23.13 3.43
C GLY A 151 14.90 -21.86 3.00
N LEU A 152 15.52 -20.72 3.24
CA LEU A 152 14.89 -19.40 2.98
C LEU A 152 14.55 -19.30 1.50
N HIS A 153 13.37 -18.78 1.17
CA HIS A 153 12.97 -18.44 -0.21
C HIS A 153 13.20 -16.94 -0.41
N LEU A 154 14.16 -16.58 -1.26
CA LEU A 154 14.41 -15.20 -1.70
C LEU A 154 13.66 -14.92 -2.99
N VAL A 155 12.66 -14.03 -2.95
CA VAL A 155 12.01 -13.47 -4.17
C VAL A 155 12.68 -12.14 -4.52
N ILE A 156 13.30 -12.06 -5.70
CA ILE A 156 13.99 -10.83 -6.19
C ILE A 156 13.07 -10.13 -7.18
N ALA A 157 12.61 -8.92 -6.82
CA ALA A 157 11.72 -8.08 -7.66
C ALA A 157 12.62 -7.28 -8.62
N LEU A 158 12.65 -7.68 -9.89
CA LEU A 158 13.55 -7.09 -10.94
C LEU A 158 12.68 -6.63 -12.10
N ASN A 159 12.66 -5.34 -12.39
CA ASN A 159 11.71 -4.76 -13.38
C ASN A 159 10.29 -5.11 -12.90
N TYR A 160 9.93 -4.61 -11.72
CA TYR A 160 8.69 -4.98 -11.00
C TYR A 160 8.11 -3.72 -10.40
N GLY A 161 6.78 -3.66 -10.33
CA GLY A 161 6.00 -2.58 -9.68
C GLY A 161 4.70 -3.14 -9.12
N GLY A 162 4.16 -2.51 -8.08
CA GLY A 162 2.82 -2.81 -7.56
C GLY A 162 1.72 -2.67 -8.60
N TYR A 163 1.69 -1.56 -9.34
CA TYR A 163 0.72 -1.33 -10.45
C TYR A 163 0.82 -2.45 -11.47
N TYR A 164 2.05 -2.80 -11.87
CA TYR A 164 2.34 -3.87 -12.86
C TYR A 164 1.67 -5.17 -12.39
N ASP A 165 1.88 -5.57 -11.12
CA ASP A 165 1.38 -6.87 -10.60
C ASP A 165 -0.16 -6.89 -10.65
N ILE A 166 -0.80 -5.81 -10.19
CA ILE A 166 -2.28 -5.68 -10.20
C ILE A 166 -2.76 -5.73 -11.68
N LEU A 167 -2.06 -5.07 -12.61
CA LEU A 167 -2.53 -5.02 -14.02
C LEU A 167 -2.37 -6.39 -14.67
N GLN A 168 -1.27 -7.11 -14.41
CA GLN A 168 -1.06 -8.41 -15.11
C GLN A 168 -2.10 -9.36 -14.53
N ALA A 169 -2.44 -9.21 -13.25
CA ALA A 169 -3.48 -10.06 -12.63
C ALA A 169 -4.84 -9.78 -13.30
N THR A 170 -5.18 -8.49 -13.46
CA THR A 170 -6.49 -8.04 -14.05
C THR A 170 -6.61 -8.62 -15.45
N LYS A 171 -5.60 -8.44 -16.30
CA LYS A 171 -5.51 -9.05 -17.65
C LYS A 171 -5.74 -10.56 -17.58
N SER A 172 -5.14 -11.26 -16.62
CA SER A 172 -5.28 -12.74 -16.57
C SER A 172 -6.75 -13.08 -16.30
N ILE A 173 -7.41 -12.32 -15.43
CA ILE A 173 -8.82 -12.60 -15.03
C ILE A 173 -9.73 -12.26 -16.23
N VAL A 174 -9.42 -11.22 -16.98
CA VAL A 174 -10.24 -10.84 -18.17
C VAL A 174 -10.21 -11.99 -19.19
N ASN A 175 -9.02 -12.54 -19.45
CA ASN A 175 -8.82 -13.71 -20.35
C ASN A 175 -9.69 -14.88 -19.86
N LYS A 176 -9.53 -15.28 -18.61
CA LYS A 176 -10.33 -16.40 -18.06
C LYS A 176 -11.82 -16.16 -18.32
N ALA A 177 -12.33 -14.94 -18.09
CA ALA A 177 -13.76 -14.60 -18.23
C ALA A 177 -14.20 -14.72 -19.70
N MET A 178 -13.38 -14.25 -20.63
CA MET A 178 -13.71 -14.25 -22.06
C MET A 178 -13.66 -15.70 -22.61
N ASN A 179 -13.15 -16.66 -21.84
CA ASN A 179 -13.07 -18.09 -22.23
C ASN A 179 -13.97 -18.91 -21.32
N GLY A 180 -14.92 -18.24 -20.65
CA GLY A 180 -16.01 -18.85 -19.84
C GLY A 180 -15.50 -19.67 -18.66
N LEU A 181 -14.33 -19.30 -18.11
CA LEU A 181 -13.68 -20.00 -16.96
C LEU A 181 -14.19 -19.45 -15.61
N LEU A 182 -14.71 -18.23 -15.57
CA LEU A 182 -15.25 -17.70 -14.30
C LEU A 182 -16.30 -16.65 -14.63
N ASP A 183 -17.20 -16.43 -13.68
CA ASP A 183 -18.25 -15.38 -13.72
C ASP A 183 -17.76 -14.22 -12.87
N VAL A 184 -18.16 -13.00 -13.23
CA VAL A 184 -17.84 -11.77 -12.45
C VAL A 184 -18.09 -12.00 -10.96
N GLU A 185 -19.08 -12.82 -10.58
CA GLU A 185 -19.43 -13.08 -9.15
C GLU A 185 -18.40 -14.01 -8.50
N ASP A 186 -17.52 -14.66 -9.27
CA ASP A 186 -16.40 -15.48 -8.72
C ASP A 186 -15.20 -14.58 -8.37
N ILE A 187 -15.17 -13.31 -8.80
CA ILE A 187 -13.96 -12.48 -8.59
C ILE A 187 -13.92 -12.06 -7.13
N ASN A 188 -12.98 -12.59 -6.37
CA ASN A 188 -12.85 -12.29 -4.91
C ASN A 188 -11.37 -12.21 -4.57
N LYS A 189 -11.07 -11.81 -3.32
CA LYS A 189 -9.72 -11.65 -2.72
C LYS A 189 -8.83 -12.83 -3.13
N ASN A 190 -9.34 -14.05 -2.88
CA ASN A 190 -8.63 -15.35 -3.05
C ASN A 190 -8.32 -15.60 -4.50
N LEU A 191 -9.28 -15.36 -5.39
CA LEU A 191 -9.07 -15.57 -6.85
C LEU A 191 -8.06 -14.56 -7.38
N PHE A 192 -8.23 -13.30 -7.01
CA PHE A 192 -7.29 -12.24 -7.45
C PHE A 192 -5.89 -12.58 -6.99
N ASP A 193 -5.74 -12.93 -5.71
CA ASP A 193 -4.42 -13.21 -5.08
C ASP A 193 -3.63 -14.27 -5.87
N GLN A 194 -4.32 -15.34 -6.27
CA GLN A 194 -3.74 -16.48 -7.04
C GLN A 194 -3.17 -16.01 -8.38
N GLU A 195 -3.58 -14.84 -8.89
CA GLU A 195 -3.08 -14.31 -10.20
C GLU A 195 -1.91 -13.34 -10.02
N LEU A 196 -1.56 -12.92 -8.80
CA LEU A 196 -0.43 -11.96 -8.61
C LEU A 196 0.90 -12.75 -8.64
N GLU A 197 2.01 -12.12 -9.01
CA GLU A 197 3.35 -12.75 -8.95
C GLU A 197 3.81 -12.88 -7.49
N SER A 198 3.42 -11.97 -6.59
CA SER A 198 3.69 -12.06 -5.14
C SER A 198 2.39 -12.42 -4.43
N LYS A 199 2.28 -13.65 -3.93
CA LYS A 199 1.05 -14.26 -3.40
C LYS A 199 1.20 -14.38 -1.89
N CYS A 200 0.11 -14.56 -1.17
CA CYS A 200 0.20 -14.72 0.29
C CYS A 200 0.86 -16.08 0.54
N PRO A 201 1.49 -16.33 1.71
CA PRO A 201 1.55 -15.38 2.82
C PRO A 201 2.27 -14.07 2.45
N ASN A 202 1.63 -12.92 2.72
CA ASN A 202 2.14 -11.58 2.38
C ASN A 202 3.20 -11.22 3.42
N PRO A 203 4.03 -10.19 3.16
CA PRO A 203 4.98 -9.69 4.17
C PRO A 203 4.36 -9.29 5.51
N ASP A 204 4.94 -9.80 6.62
CA ASP A 204 4.58 -9.44 8.02
C ASP A 204 5.23 -8.10 8.34
N LEU A 205 6.36 -7.82 7.69
CA LEU A 205 7.22 -6.67 8.05
C LEU A 205 7.86 -6.17 6.78
N LEU A 206 7.82 -4.86 6.57
CA LEU A 206 8.59 -4.21 5.50
C LEU A 206 9.70 -3.41 6.15
N ILE A 207 10.93 -3.56 5.67
CA ILE A 207 12.09 -2.75 6.16
C ILE A 207 12.54 -1.93 4.98
N ARG A 208 12.58 -0.62 5.14
CA ARG A 208 13.20 0.27 4.13
C ARG A 208 14.37 1.03 4.78
N THR A 209 15.57 0.83 4.24
CA THR A 209 16.80 1.58 4.62
C THR A 209 16.89 2.88 3.83
N GLY A 210 17.64 3.85 4.34
CA GLY A 210 18.00 5.08 3.62
C GLY A 210 17.13 6.27 4.01
N GLY A 211 16.16 6.11 4.90
CA GLY A 211 15.50 7.26 5.54
C GLY A 211 14.15 7.69 4.93
N GLU A 212 13.77 7.22 3.73
CA GLU A 212 12.48 7.63 3.09
C GLU A 212 11.33 6.80 3.68
N GLN A 213 10.17 7.43 3.91
CA GLN A 213 9.02 6.79 4.57
C GLN A 213 7.90 6.63 3.53
N ARG A 214 8.19 5.88 2.47
CA ARG A 214 7.28 5.61 1.32
C ARG A 214 7.50 4.17 0.87
N VAL A 215 6.57 3.61 0.11
CA VAL A 215 6.77 2.23 -0.44
C VAL A 215 7.21 2.28 -1.90
N SER A 216 7.17 3.44 -2.55
CA SER A 216 7.70 3.66 -3.93
C SER A 216 7.20 2.58 -4.93
N ASN A 217 5.90 2.28 -4.93
CA ASN A 217 5.28 1.30 -5.88
C ASN A 217 6.03 -0.03 -5.83
N PHE A 218 6.44 -0.47 -4.64
CA PHE A 218 7.02 -1.81 -4.46
C PHE A 218 5.90 -2.83 -4.55
N LEU A 219 5.25 -3.15 -3.44
CA LEU A 219 4.07 -4.02 -3.37
C LEU A 219 2.96 -3.07 -2.94
N LEU A 220 1.76 -3.27 -3.42
CA LEU A 220 0.62 -2.43 -3.00
C LEU A 220 -0.41 -3.38 -2.38
N TRP A 221 -0.90 -4.35 -3.13
CA TRP A 221 -1.96 -5.28 -2.70
C TRP A 221 -1.46 -6.08 -1.47
N GLN A 222 -0.21 -6.47 -1.53
CA GLN A 222 0.45 -7.39 -0.58
C GLN A 222 0.77 -6.70 0.75
N LEU A 223 0.72 -5.36 0.83
CA LEU A 223 1.14 -4.62 2.04
C LEU A 223 -0.03 -4.19 2.93
N ALA A 224 -1.23 -4.73 2.70
CA ALA A 224 -2.48 -4.26 3.32
C ALA A 224 -2.41 -4.34 4.85
N TYR A 225 -1.74 -5.36 5.42
CA TYR A 225 -1.63 -5.54 6.89
C TYR A 225 -0.16 -5.61 7.34
N THR A 226 0.79 -5.27 6.45
CA THR A 226 2.23 -5.25 6.77
C THR A 226 2.60 -4.15 7.78
N GLU A 227 3.46 -4.50 8.75
CA GLU A 227 4.09 -3.53 9.68
C GLU A 227 5.18 -2.78 8.92
N PHE A 228 5.19 -1.44 8.96
CA PHE A 228 6.20 -0.64 8.23
C PHE A 228 7.31 -0.21 9.20
N TYR A 229 8.57 -0.53 8.86
CA TYR A 229 9.79 -0.15 9.63
C TYR A 229 10.73 0.59 8.70
N PHE A 230 10.91 1.89 8.94
CA PHE A 230 11.80 2.77 8.17
C PHE A 230 13.00 3.07 9.05
N THR A 231 14.21 2.89 8.54
CA THR A 231 15.44 3.24 9.28
C THR A 231 16.28 4.17 8.45
N ASN A 232 16.99 5.08 9.12
CA ASN A 232 17.96 5.99 8.46
C ASN A 232 19.23 5.21 8.08
N THR A 233 19.45 4.00 8.59
CA THR A 233 20.63 3.17 8.21
C THR A 233 20.67 2.98 6.68
N LEU A 234 21.82 3.22 6.05
CA LEU A 234 22.01 3.04 4.58
C LEU A 234 22.26 1.55 4.30
N PHE A 235 21.75 1.03 3.19
CA PHE A 235 21.71 -0.44 2.96
C PHE A 235 23.10 -1.06 3.18
N PRO A 236 24.21 -0.50 2.66
CA PRO A 236 25.51 -1.13 2.86
C PRO A 236 25.97 -1.19 4.33
N ASP A 237 25.38 -0.40 5.24
CA ASP A 237 25.71 -0.46 6.70
C ASP A 237 24.70 -1.32 7.46
N PHE A 238 23.75 -1.92 6.78
CA PHE A 238 22.62 -2.66 7.41
C PHE A 238 23.08 -4.09 7.72
N GLY A 239 23.28 -4.41 9.00
CA GLY A 239 23.89 -5.68 9.41
C GLY A 239 23.01 -6.41 10.38
N GLU A 240 23.55 -7.47 10.94
CA GLU A 240 22.78 -8.41 11.79
C GLU A 240 22.11 -7.64 12.94
N GLU A 241 22.83 -6.69 13.55
CA GLU A 241 22.37 -5.84 14.67
C GLU A 241 21.14 -5.03 14.23
N ASP A 242 21.23 -4.43 13.05
CA ASP A 242 20.15 -3.58 12.46
C ASP A 242 18.91 -4.46 12.25
N LEU A 243 19.11 -5.68 11.74
CA LEU A 243 18.01 -6.61 11.46
C LEU A 243 17.36 -7.06 12.77
N LYS A 244 18.15 -7.40 13.79
CA LYS A 244 17.57 -7.88 15.07
C LYS A 244 16.79 -6.73 15.71
N GLU A 245 17.28 -5.49 15.57
CA GLU A 245 16.57 -4.31 16.11
C GLU A 245 15.17 -4.20 15.44
N ALA A 246 15.10 -4.31 14.11
CA ALA A 246 13.82 -4.24 13.35
C ALA A 246 12.89 -5.34 13.87
N ILE A 247 13.42 -6.54 14.09
CA ILE A 247 12.57 -7.69 14.53
C ILE A 247 12.04 -7.46 15.95
N MET A 248 12.87 -6.94 16.85
CA MET A 248 12.48 -6.69 18.25
C MET A 248 11.42 -5.59 18.28
N ASN A 249 11.60 -4.54 17.48
CA ASN A 249 10.56 -3.52 17.26
C ASN A 249 9.26 -4.20 16.78
N PHE A 250 9.33 -5.14 15.84
CA PHE A 250 8.14 -5.84 15.30
C PHE A 250 7.43 -6.53 16.47
N GLN A 251 8.20 -7.24 17.31
CA GLN A 251 7.67 -8.01 18.48
C GLN A 251 7.00 -7.07 19.51
N GLN A 252 7.52 -5.87 19.75
CA GLN A 252 6.93 -4.95 20.77
C GLN A 252 5.59 -4.42 20.23
N ARG A 253 5.50 -4.18 18.92
CA ARG A 253 4.24 -3.72 18.26
C ARG A 253 3.15 -4.77 18.48
N HIS A 254 3.46 -6.05 18.35
CA HIS A 254 2.49 -7.15 18.62
C HIS A 254 2.05 -7.17 20.09
N ARG A 255 2.97 -7.00 21.05
CA ARG A 255 2.58 -6.93 22.50
C ARG A 255 1.63 -5.74 22.72
N ARG A 256 1.87 -4.63 22.03
CA ARG A 256 1.04 -3.41 22.20
C ARG A 256 -0.32 -3.51 21.49
N PHE A 257 -0.41 -4.10 20.30
CA PHE A 257 -1.61 -4.01 19.43
C PHE A 257 -2.19 -5.40 19.10
N GLY A 258 -1.46 -6.48 19.34
CA GLY A 258 -1.88 -7.86 19.01
C GLY A 258 -3.29 -8.17 19.49
N ILE B 11 0.83 -13.47 -23.38
CA ILE B 11 0.77 -12.85 -22.01
C ILE B 11 1.16 -11.37 -22.13
N SER B 12 2.41 -11.11 -22.52
CA SER B 12 2.95 -9.78 -22.96
C SER B 12 2.99 -8.76 -21.81
N CYS B 13 4.20 -8.33 -21.43
CA CYS B 13 4.45 -7.18 -20.53
C CYS B 13 5.48 -6.27 -21.22
N SER B 14 5.54 -4.99 -20.84
CA SER B 14 6.64 -4.05 -21.17
C SER B 14 6.54 -2.83 -20.25
N LEU B 15 7.64 -2.46 -19.60
CA LEU B 15 7.69 -1.41 -18.55
C LEU B 15 8.75 -0.34 -18.85
N ASN B 16 9.58 -0.52 -19.89
CA ASN B 16 10.56 0.51 -20.37
C ASN B 16 9.93 1.26 -21.55
N LEU B 17 8.71 1.74 -21.38
CA LEU B 17 7.94 2.49 -22.41
C LEU B 17 7.81 3.94 -21.92
N GLN B 18 7.10 4.78 -22.68
CA GLN B 18 6.70 6.18 -22.34
C GLN B 18 6.42 6.31 -20.83
N THR B 19 5.30 5.73 -20.36
CA THR B 19 4.85 5.65 -18.95
C THR B 19 5.18 6.97 -18.22
N GLU B 20 4.40 8.03 -18.48
CA GLU B 20 4.66 9.42 -17.99
C GLU B 20 3.75 9.71 -16.78
N LYS B 21 3.84 8.91 -15.71
CA LYS B 21 3.33 9.20 -14.34
C LYS B 21 1.79 9.24 -14.31
N LEU B 22 1.19 8.82 -13.19
CA LEU B 22 -0.27 8.51 -13.08
C LEU B 22 -1.13 9.76 -13.38
N CYS B 23 -1.09 10.80 -12.54
CA CYS B 23 -1.92 12.03 -12.70
C CYS B 23 -1.04 13.24 -13.08
N TYR B 24 -1.00 13.55 -14.38
CA TYR B 24 -0.50 14.82 -14.98
C TYR B 24 -0.88 14.90 -16.47
N LEU B 35 4.70 22.62 -1.94
CA LEU B 35 5.21 22.27 -0.58
C LEU B 35 4.05 22.10 0.41
N MET B 36 2.81 22.45 0.05
CA MET B 36 1.58 22.01 0.78
C MET B 36 1.09 20.69 0.18
N PRO B 37 0.84 19.63 0.98
CA PRO B 37 0.11 18.46 0.46
C PRO B 37 -1.27 18.89 -0.05
N LYS B 38 -1.56 18.52 -1.29
CA LYS B 38 -2.87 18.78 -1.97
C LYS B 38 -3.94 17.80 -1.41
N HIS B 39 -3.55 16.58 -1.07
CA HIS B 39 -4.43 15.43 -0.71
C HIS B 39 -3.82 14.73 0.51
N ILE B 40 -4.57 14.68 1.60
CA ILE B 40 -4.19 13.99 2.86
C ILE B 40 -5.19 12.86 3.07
N ALA B 41 -4.67 11.64 3.23
CA ALA B 41 -5.40 10.46 3.74
C ALA B 41 -5.26 10.44 5.27
N LEU B 42 -6.33 10.09 5.98
CA LEU B 42 -6.45 10.20 7.45
C LEU B 42 -6.98 8.88 7.96
N ILE B 43 -6.21 8.18 8.78
CA ILE B 43 -6.71 6.98 9.49
C ILE B 43 -6.97 7.45 10.92
N MET B 44 -8.24 7.56 11.29
CA MET B 44 -8.68 8.29 12.51
C MET B 44 -8.71 7.29 13.69
N ASP B 45 -7.57 6.73 14.06
CA ASP B 45 -7.53 5.65 15.09
C ASP B 45 -7.23 6.26 16.47
N GLY B 46 -7.55 5.51 17.52
CA GLY B 46 -7.19 5.82 18.92
C GLY B 46 -8.39 6.24 19.76
N ASN B 47 -9.60 6.25 19.18
CA ASN B 47 -10.87 6.65 19.84
C ASN B 47 -11.23 5.65 20.96
N ARG B 48 -11.13 4.34 20.70
CA ARG B 48 -11.48 3.27 21.70
C ARG B 48 -10.50 3.37 22.88
N ARG B 49 -9.21 3.45 22.58
CA ARG B 49 -8.12 3.64 23.56
C ARG B 49 -8.43 4.88 24.41
N TRP B 50 -8.81 5.99 23.76
CA TRP B 50 -9.02 7.32 24.41
C TRP B 50 -10.13 7.20 25.46
N ALA B 51 -11.25 6.56 25.11
CA ALA B 51 -12.39 6.29 26.00
C ALA B 51 -11.87 5.54 27.24
N LYS B 52 -11.14 4.43 27.04
CA LYS B 52 -10.79 3.45 28.11
C LYS B 52 -9.53 3.87 28.87
N ASP B 53 -8.97 5.06 28.64
CA ASP B 53 -8.02 5.71 29.58
C ASP B 53 -8.64 7.05 30.03
N LYS B 54 -9.94 7.21 29.84
CA LYS B 54 -10.78 8.26 30.48
C LYS B 54 -12.06 7.59 31.01
N GLY B 55 -11.97 6.29 31.32
CA GLY B 55 -12.96 5.49 32.08
C GLY B 55 -14.40 5.66 31.63
N LEU B 56 -14.63 5.74 30.32
CA LEU B 56 -15.98 5.86 29.69
C LEU B 56 -16.30 4.57 28.93
N GLU B 57 -17.55 4.45 28.46
CA GLU B 57 -17.99 3.38 27.52
C GLU B 57 -17.34 3.63 26.14
N VAL B 58 -16.97 2.57 25.43
CA VAL B 58 -16.35 2.59 24.06
C VAL B 58 -16.97 3.70 23.20
N TYR B 59 -18.29 3.89 23.28
CA TYR B 59 -19.13 4.75 22.40
C TYR B 59 -18.76 6.23 22.54
N GLU B 60 -18.32 6.65 23.72
CA GLU B 60 -17.94 8.07 24.00
C GLU B 60 -16.79 8.48 23.06
N GLY B 61 -15.85 7.57 22.80
CA GLY B 61 -14.72 7.78 21.89
C GLY B 61 -15.19 7.97 20.45
N HIS B 62 -16.10 7.11 19.99
CA HIS B 62 -16.69 7.18 18.62
C HIS B 62 -17.38 8.53 18.41
N LYS B 63 -18.04 9.06 19.44
CA LYS B 63 -18.79 10.34 19.36
C LYS B 63 -17.86 11.48 18.91
N HIS B 64 -16.54 11.33 19.08
CA HIS B 64 -15.57 12.41 18.77
C HIS B 64 -15.24 12.47 17.27
N ILE B 65 -15.51 11.42 16.48
CA ILE B 65 -14.92 11.27 15.11
C ILE B 65 -15.36 12.43 14.23
N ILE B 66 -16.68 12.63 14.07
CA ILE B 66 -17.25 13.52 13.02
C ILE B 66 -16.95 14.98 13.38
N PRO B 67 -17.20 15.42 14.63
CA PRO B 67 -16.84 16.79 15.02
C PRO B 67 -15.34 17.09 14.84
N LYS B 68 -14.47 16.15 15.25
CA LYS B 68 -13.00 16.31 15.08
C LYS B 68 -12.69 16.41 13.58
N LEU B 69 -13.34 15.58 12.77
CA LEU B 69 -13.09 15.55 11.30
C LEU B 69 -13.49 16.91 10.71
N LYS B 70 -14.63 17.45 11.16
CA LYS B 70 -15.11 18.80 10.75
C LYS B 70 -14.06 19.85 11.08
N GLU B 71 -13.60 19.89 12.34
CA GLU B 71 -12.53 20.82 12.80
C GLU B 71 -11.28 20.64 11.94
N ILE B 72 -10.88 19.39 11.68
CA ILE B 72 -9.66 19.13 10.86
C ILE B 72 -9.87 19.73 9.47
N CYS B 73 -11.05 19.58 8.87
CA CYS B 73 -11.37 20.13 7.52
C CYS B 73 -11.25 21.66 7.53
N ASP B 74 -11.80 22.34 8.55
CA ASP B 74 -11.76 23.82 8.66
C ASP B 74 -10.30 24.29 8.68
N ILE B 75 -9.45 23.71 9.55
CA ILE B 75 -7.99 24.02 9.63
C ILE B 75 -7.31 23.75 8.28
N SER B 76 -7.60 22.59 7.66
CA SER B 76 -6.94 22.13 6.41
C SER B 76 -7.24 23.11 5.28
N SER B 77 -8.50 23.60 5.21
CA SER B 77 -9.00 24.60 4.23
C SER B 77 -8.13 25.85 4.27
N LYS B 78 -7.94 26.43 5.47
CA LYS B 78 -7.12 27.65 5.68
C LYS B 78 -5.74 27.41 5.06
N LEU B 79 -5.14 26.24 5.28
CA LEU B 79 -3.74 25.94 4.87
C LEU B 79 -3.66 25.69 3.37
N GLY B 80 -4.79 25.47 2.68
CA GLY B 80 -4.84 25.27 1.22
C GLY B 80 -4.77 23.81 0.81
N ILE B 81 -5.09 22.89 1.72
CA ILE B 81 -5.26 21.44 1.41
C ILE B 81 -6.57 21.30 0.63
N GLN B 82 -6.55 20.61 -0.51
CA GLN B 82 -7.72 20.54 -1.42
C GLN B 82 -8.56 19.30 -1.15
N ILE B 83 -7.97 18.18 -0.66
CA ILE B 83 -8.67 16.88 -0.48
C ILE B 83 -8.25 16.24 0.84
N ILE B 84 -9.23 15.73 1.58
CA ILE B 84 -9.03 14.78 2.70
C ILE B 84 -9.82 13.51 2.36
N THR B 85 -9.16 12.36 2.40
CA THR B 85 -9.84 11.04 2.40
C THR B 85 -9.73 10.47 3.82
N ALA B 86 -10.85 10.25 4.49
CA ALA B 86 -10.92 9.86 5.91
C ALA B 86 -11.49 8.44 6.06
N PHE B 87 -10.83 7.58 6.84
CA PHE B 87 -11.19 6.15 6.98
C PHE B 87 -12.12 6.00 8.19
N ALA B 88 -13.42 5.86 7.94
CA ALA B 88 -14.50 6.07 8.94
C ALA B 88 -15.02 4.74 9.48
N PHE B 89 -15.30 3.79 8.60
CA PHE B 89 -15.81 2.45 8.96
C PHE B 89 -15.10 1.42 8.07
N SER B 90 -14.25 0.58 8.66
CA SER B 90 -13.49 -0.45 7.91
C SER B 90 -14.36 -1.69 7.74
N THR B 91 -14.01 -2.60 6.81
CA THR B 91 -14.67 -3.93 6.67
C THR B 91 -14.65 -4.69 8.02
N GLU B 92 -13.56 -4.56 8.79
CA GLU B 92 -13.35 -5.24 10.09
C GLU B 92 -14.51 -4.93 11.06
N ASN B 93 -15.11 -3.73 10.98
CA ASN B 93 -16.15 -3.27 11.93
C ASN B 93 -17.31 -4.28 11.99
N TRP B 94 -17.57 -5.04 10.92
CA TRP B 94 -18.72 -5.99 10.85
C TRP B 94 -18.53 -7.18 11.82
N LYS B 95 -17.31 -7.39 12.34
CA LYS B 95 -16.95 -8.55 13.20
C LYS B 95 -17.12 -8.19 14.68
N ARG B 96 -17.15 -6.90 15.01
CA ARG B 96 -17.32 -6.37 16.39
C ARG B 96 -18.76 -6.63 16.85
N SER B 97 -19.04 -6.43 18.15
CA SER B 97 -20.35 -6.72 18.78
C SER B 97 -21.48 -6.04 18.00
N LYS B 98 -22.56 -6.77 17.73
CA LYS B 98 -23.77 -6.30 17.00
C LYS B 98 -24.19 -4.92 17.54
N GLU B 99 -24.15 -4.73 18.86
CA GLU B 99 -24.59 -3.46 19.51
C GLU B 99 -23.76 -2.29 18.96
N GLU B 100 -22.46 -2.51 18.74
CA GLU B 100 -21.45 -1.48 18.36
C GLU B 100 -21.54 -1.18 16.86
N VAL B 101 -21.77 -2.19 16.01
CA VAL B 101 -22.11 -2.04 14.57
C VAL B 101 -23.40 -1.20 14.45
N ASP B 102 -24.46 -1.61 15.15
CA ASP B 102 -25.78 -0.91 15.18
C ASP B 102 -25.57 0.56 15.59
N PHE B 103 -24.67 0.82 16.57
CA PHE B 103 -24.43 2.18 17.12
C PHE B 103 -23.70 3.07 16.09
N LEU B 104 -22.60 2.56 15.53
CA LEU B 104 -21.75 3.28 14.54
C LEU B 104 -22.59 3.66 13.30
N LEU B 105 -23.35 2.73 12.75
CA LEU B 105 -24.19 2.95 11.54
C LEU B 105 -25.18 4.09 11.83
N GLN B 106 -25.92 4.01 12.93
CA GLN B 106 -26.82 5.09 13.40
C GLN B 106 -26.02 6.39 13.56
N MET B 107 -24.85 6.33 14.20
CA MET B 107 -24.06 7.55 14.51
C MET B 107 -23.66 8.30 13.23
N PHE B 108 -23.39 7.60 12.12
CA PHE B 108 -22.82 8.21 10.89
C PHE B 108 -23.90 9.05 10.17
N GLU B 109 -25.14 8.98 10.64
CA GLU B 109 -26.26 9.80 10.13
C GLU B 109 -25.94 11.29 10.35
N GLU B 110 -25.21 11.59 11.42
CA GLU B 110 -24.84 12.97 11.88
C GLU B 110 -23.87 13.66 10.91
N ILE B 111 -23.33 12.95 9.92
CA ILE B 111 -22.55 13.56 8.79
C ILE B 111 -23.42 14.65 8.16
N TYR B 112 -24.73 14.40 8.00
CA TYR B 112 -25.69 15.36 7.39
C TYR B 112 -25.71 16.70 8.14
N ASP B 113 -26.06 16.69 9.44
CA ASP B 113 -26.06 17.89 10.31
C ASP B 113 -24.72 18.63 10.22
N GLU B 114 -23.61 17.88 10.33
CA GLU B 114 -22.26 18.45 10.55
C GLU B 114 -21.75 19.19 9.32
N PHE B 115 -22.10 18.75 8.10
CA PHE B 115 -21.42 19.20 6.85
C PHE B 115 -22.34 19.94 5.87
N SER B 116 -23.66 19.69 5.87
CA SER B 116 -24.59 20.25 4.83
C SER B 116 -24.48 21.77 4.76
N ARG B 117 -24.24 22.46 5.89
CA ARG B 117 -24.27 23.95 5.96
C ARG B 117 -22.85 24.53 5.99
N SER B 118 -21.81 23.69 5.84
CA SER B 118 -20.40 24.09 5.65
C SER B 118 -20.19 24.52 4.20
N GLY B 119 -18.97 24.92 3.85
CA GLY B 119 -18.55 25.08 2.43
C GLY B 119 -17.79 23.85 1.93
N VAL B 120 -17.84 22.74 2.68
CA VAL B 120 -17.10 21.49 2.34
C VAL B 120 -17.94 20.65 1.37
N ARG B 121 -17.30 20.12 0.32
N ARG B 121 -17.34 20.18 0.28
CA ARG B 121 -17.91 19.18 -0.65
CA ARG B 121 -17.97 19.19 -0.62
C ARG B 121 -17.68 17.75 -0.13
C ARG B 121 -17.69 17.80 -0.03
N VAL B 122 -18.75 17.02 0.24
CA VAL B 122 -18.64 15.67 0.87
C VAL B 122 -19.04 14.60 -0.16
N SER B 123 -18.18 13.58 -0.34
CA SER B 123 -18.55 12.31 -1.03
C SER B 123 -18.21 11.09 -0.13
N ILE B 124 -18.89 9.98 -0.39
CA ILE B 124 -18.69 8.71 0.36
C ILE B 124 -18.20 7.70 -0.65
N ILE B 125 -17.13 6.98 -0.33
CA ILE B 125 -16.68 5.83 -1.16
C ILE B 125 -16.91 4.60 -0.31
N GLY B 126 -17.17 3.46 -0.97
CA GLY B 126 -17.44 2.20 -0.29
C GLY B 126 -18.73 1.57 -0.77
N CYS B 127 -19.08 0.42 -0.21
CA CYS B 127 -20.23 -0.40 -0.63
C CYS B 127 -21.46 0.06 0.16
N LYS B 128 -22.23 0.99 -0.40
CA LYS B 128 -23.37 1.66 0.26
C LYS B 128 -24.58 0.72 0.40
N SER B 129 -24.69 -0.34 -0.40
CA SER B 129 -25.90 -1.22 -0.46
C SER B 129 -25.96 -2.12 0.79
N ASP B 130 -24.85 -2.32 1.50
CA ASP B 130 -24.86 -3.11 2.76
C ASP B 130 -25.45 -2.27 3.89
N LEU B 131 -25.46 -0.95 3.77
CA LEU B 131 -25.80 -0.05 4.90
C LEU B 131 -27.32 0.00 5.02
N PRO B 132 -27.85 0.34 6.22
CA PRO B 132 -29.28 0.58 6.39
C PRO B 132 -29.79 1.69 5.47
N MET B 133 -31.02 1.53 4.96
CA MET B 133 -31.64 2.45 3.97
C MET B 133 -31.66 3.88 4.52
N THR B 134 -31.82 4.05 5.83
CA THR B 134 -31.85 5.41 6.43
C THR B 134 -30.46 6.03 6.27
N LEU B 135 -29.39 5.24 6.45
CA LEU B 135 -27.99 5.75 6.30
C LEU B 135 -27.73 6.06 4.81
N GLN B 136 -28.22 5.21 3.90
CA GLN B 136 -28.04 5.40 2.45
C GLN B 136 -28.65 6.74 2.03
N LYS B 137 -29.80 7.10 2.59
CA LYS B 137 -30.51 8.36 2.24
C LYS B 137 -29.75 9.56 2.82
N CYS B 138 -29.29 9.50 4.08
CA CYS B 138 -28.47 10.57 4.72
C CYS B 138 -27.22 10.87 3.90
N ILE B 139 -26.56 9.80 3.44
CA ILE B 139 -25.33 9.89 2.60
C ILE B 139 -25.68 10.60 1.30
N ALA B 140 -26.69 10.11 0.56
CA ALA B 140 -27.09 10.66 -0.76
C ALA B 140 -27.55 12.12 -0.58
N LEU B 141 -28.29 12.43 0.49
CA LEU B 141 -28.68 13.84 0.78
C LEU B 141 -27.44 14.70 1.04
N THR B 142 -26.47 14.26 1.85
CA THR B 142 -25.25 15.06 2.16
C THR B 142 -24.47 15.31 0.86
N GLU B 143 -24.31 14.29 0.01
CA GLU B 143 -23.56 14.43 -1.28
C GLU B 143 -24.28 15.42 -2.20
N GLU B 144 -25.60 15.25 -2.35
CA GLU B 144 -26.43 16.07 -3.25
C GLU B 144 -26.33 17.54 -2.85
N THR B 145 -26.51 17.86 -1.56
CA THR B 145 -26.61 19.27 -1.08
C THR B 145 -25.24 19.95 -1.18
N THR B 146 -24.12 19.21 -1.06
CA THR B 146 -22.75 19.80 -1.00
C THR B 146 -22.04 19.68 -2.35
N LYS B 147 -22.63 19.09 -3.38
CA LYS B 147 -21.85 18.78 -4.62
C LYS B 147 -21.37 20.08 -5.29
N GLY B 148 -22.07 21.19 -5.08
CA GLY B 148 -21.70 22.49 -5.67
C GLY B 148 -20.59 23.20 -4.89
N ASN B 149 -20.37 22.84 -3.62
CA ASN B 149 -19.33 23.49 -2.76
C ASN B 149 -17.99 23.44 -3.50
N LYS B 150 -17.25 24.56 -3.50
CA LYS B 150 -16.00 24.77 -4.29
C LYS B 150 -14.77 24.72 -3.39
N GLY B 151 -14.95 24.52 -2.08
CA GLY B 151 -13.83 24.45 -1.12
C GLY B 151 -13.17 23.09 -1.10
N LEU B 152 -12.78 22.63 0.09
CA LEU B 152 -12.10 21.35 0.33
C LEU B 152 -13.06 20.20 0.02
N HIS B 153 -12.56 19.16 -0.63
CA HIS B 153 -13.28 17.89 -0.90
C HIS B 153 -12.93 16.87 0.18
N LEU B 154 -13.89 16.59 1.05
CA LEU B 154 -13.86 15.53 2.07
C LEU B 154 -14.44 14.27 1.45
N VAL B 155 -13.63 13.23 1.29
CA VAL B 155 -14.10 11.88 0.90
C VAL B 155 -14.15 11.03 2.16
N ILE B 156 -15.33 10.53 2.53
CA ILE B 156 -15.50 9.66 3.72
C ILE B 156 -15.58 8.23 3.20
N ALA B 157 -14.65 7.39 3.64
CA ALA B 157 -14.63 5.95 3.28
C ALA B 157 -15.45 5.20 4.32
N LEU B 158 -16.55 4.63 3.88
CA LEU B 158 -17.54 3.95 4.74
C LEU B 158 -17.83 2.59 4.13
N ASN B 159 -17.49 1.51 4.82
CA ASN B 159 -17.63 0.15 4.26
C ASN B 159 -16.75 0.06 3.01
N TYR B 160 -15.49 0.46 3.19
CA TYR B 160 -14.51 0.57 2.10
C TYR B 160 -13.26 -0.17 2.53
N GLY B 161 -12.51 -0.69 1.56
CA GLY B 161 -11.12 -1.09 1.75
C GLY B 161 -10.33 -1.06 0.44
N GLY B 162 -9.02 -1.27 0.55
CA GLY B 162 -8.05 -1.42 -0.54
C GLY B 162 -8.42 -2.57 -1.44
N TYR B 163 -8.66 -3.76 -0.88
CA TYR B 163 -9.02 -4.96 -1.66
C TYR B 163 -10.29 -4.68 -2.46
N TYR B 164 -11.32 -4.16 -1.79
CA TYR B 164 -12.66 -3.86 -2.34
C TYR B 164 -12.50 -2.94 -3.56
N ASP B 165 -11.69 -1.90 -3.45
CA ASP B 165 -11.63 -0.91 -4.56
C ASP B 165 -11.05 -1.64 -5.78
N ILE B 166 -9.93 -2.31 -5.59
CA ILE B 166 -9.24 -3.05 -6.68
C ILE B 166 -10.17 -4.10 -7.28
N LEU B 167 -10.92 -4.84 -6.45
CA LEU B 167 -11.80 -5.92 -6.99
C LEU B 167 -12.98 -5.33 -7.77
N GLN B 168 -13.62 -4.25 -7.32
CA GLN B 168 -14.81 -3.66 -8.01
C GLN B 168 -14.33 -3.03 -9.33
N ALA B 169 -13.11 -2.47 -9.38
CA ALA B 169 -12.51 -1.95 -10.63
C ALA B 169 -12.26 -3.12 -11.59
N THR B 170 -11.79 -4.25 -11.07
CA THR B 170 -11.51 -5.47 -11.88
C THR B 170 -12.83 -6.01 -12.44
N LYS B 171 -13.90 -6.07 -11.64
CA LYS B 171 -15.20 -6.61 -12.07
C LYS B 171 -15.80 -5.75 -13.21
N SER B 172 -15.66 -4.44 -13.09
CA SER B 172 -16.16 -3.42 -14.03
C SER B 172 -15.40 -3.52 -15.36
N ILE B 173 -14.10 -3.75 -15.32
CA ILE B 173 -13.25 -3.99 -16.52
C ILE B 173 -13.64 -5.32 -17.18
N VAL B 174 -13.84 -6.38 -16.42
CA VAL B 174 -14.27 -7.70 -16.96
C VAL B 174 -15.60 -7.53 -17.69
N ASN B 175 -16.51 -6.77 -17.12
CA ASN B 175 -17.87 -6.57 -17.65
C ASN B 175 -17.79 -5.87 -19.01
N LYS B 176 -16.97 -4.83 -19.11
CA LYS B 176 -16.67 -4.08 -20.36
C LYS B 176 -16.06 -5.00 -21.42
N ALA B 177 -14.98 -5.73 -21.09
CA ALA B 177 -14.36 -6.75 -21.96
C ALA B 177 -15.41 -7.74 -22.51
N MET B 178 -16.28 -8.27 -21.65
CA MET B 178 -17.30 -9.29 -22.01
C MET B 178 -18.41 -8.68 -22.87
N ASN B 179 -18.65 -7.38 -22.77
CA ASN B 179 -19.64 -6.65 -23.60
C ASN B 179 -18.96 -6.01 -24.83
N GLY B 180 -17.69 -6.29 -25.07
CA GLY B 180 -16.96 -5.84 -26.27
C GLY B 180 -16.67 -4.35 -26.27
N LEU B 181 -16.60 -3.72 -25.10
CA LEU B 181 -16.36 -2.26 -24.99
C LEU B 181 -14.89 -1.94 -24.66
N LEU B 182 -14.01 -2.92 -24.48
CA LEU B 182 -12.54 -2.68 -24.40
C LEU B 182 -11.81 -3.98 -24.68
N ASP B 183 -10.54 -3.89 -25.10
CA ASP B 183 -9.61 -5.02 -25.33
C ASP B 183 -8.71 -5.19 -24.10
N VAL B 184 -8.23 -6.40 -23.85
CA VAL B 184 -7.17 -6.67 -22.84
C VAL B 184 -6.03 -5.67 -23.06
N GLU B 185 -5.73 -5.35 -24.32
CA GLU B 185 -4.63 -4.45 -24.78
C GLU B 185 -4.78 -3.05 -24.18
N ASP B 186 -6.01 -2.57 -24.01
CA ASP B 186 -6.30 -1.21 -23.48
C ASP B 186 -6.05 -1.14 -21.95
N ILE B 187 -5.94 -2.27 -21.27
CA ILE B 187 -5.91 -2.27 -19.78
C ILE B 187 -4.54 -1.75 -19.34
N ASN B 188 -4.52 -0.56 -18.73
CA ASN B 188 -3.27 0.09 -18.26
C ASN B 188 -3.59 0.86 -16.98
N LYS B 189 -2.55 1.44 -16.38
CA LYS B 189 -2.57 2.30 -15.17
C LYS B 189 -3.74 3.30 -15.29
N ASN B 190 -3.86 3.99 -16.41
CA ASN B 190 -4.83 5.10 -16.55
C ASN B 190 -6.25 4.54 -16.63
N LEU B 191 -6.46 3.46 -17.36
CA LEU B 191 -7.80 2.84 -17.49
C LEU B 191 -8.22 2.35 -16.11
N PHE B 192 -7.30 1.68 -15.43
CA PHE B 192 -7.58 1.02 -14.14
C PHE B 192 -7.96 2.08 -13.13
N ASP B 193 -7.13 3.11 -13.04
CA ASP B 193 -7.31 4.26 -12.13
C ASP B 193 -8.69 4.88 -12.31
N GLN B 194 -9.19 5.01 -13.57
CA GLN B 194 -10.51 5.65 -13.85
C GLN B 194 -11.64 4.75 -13.36
N GLU B 195 -11.40 3.47 -13.09
CA GLU B 195 -12.41 2.54 -12.53
C GLU B 195 -12.44 2.52 -10.98
N LEU B 196 -11.45 3.06 -10.29
CA LEU B 196 -11.40 3.05 -8.79
C LEU B 196 -12.32 4.13 -8.23
N GLU B 197 -12.77 3.97 -7.00
CA GLU B 197 -13.55 5.01 -6.31
C GLU B 197 -12.67 6.16 -5.84
N SER B 198 -11.44 5.89 -5.40
CA SER B 198 -10.47 6.93 -4.99
C SER B 198 -9.49 7.05 -6.15
N LYS B 199 -9.64 8.09 -6.96
CA LYS B 199 -8.87 8.30 -8.21
C LYS B 199 -7.76 9.31 -7.94
N CYS B 200 -6.79 9.39 -8.84
CA CYS B 200 -5.74 10.44 -8.69
C CYS B 200 -6.42 11.79 -8.92
N PRO B 201 -5.97 12.92 -8.33
CA PRO B 201 -4.73 12.98 -7.54
C PRO B 201 -4.75 12.19 -6.21
N ASN B 202 -3.80 11.26 -6.06
CA ASN B 202 -3.65 10.33 -4.92
C ASN B 202 -3.11 11.08 -3.70
N PRO B 203 -3.20 10.51 -2.48
CA PRO B 203 -2.67 11.14 -1.28
C PRO B 203 -1.17 11.42 -1.33
N ASP B 204 -0.78 12.63 -1.00
CA ASP B 204 0.64 13.06 -0.90
C ASP B 204 1.15 12.63 0.46
N LEU B 205 0.25 12.61 1.43
CA LEU B 205 0.58 12.36 2.85
C LEU B 205 -0.52 11.51 3.44
N LEU B 206 -0.16 10.47 4.15
CA LEU B 206 -1.12 9.70 4.99
C LEU B 206 -0.73 9.97 6.43
N ILE B 207 -1.73 10.37 7.23
CA ILE B 207 -1.60 10.57 8.70
C ILE B 207 -2.43 9.47 9.35
N ARG B 208 -1.79 8.64 10.17
CA ARG B 208 -2.49 7.69 11.05
C ARG B 208 -2.22 8.02 12.51
N THR B 209 -3.30 8.21 13.28
CA THR B 209 -3.25 8.52 14.73
C THR B 209 -3.43 7.22 15.51
N GLY B 210 -3.00 7.16 16.77
CA GLY B 210 -3.30 6.00 17.64
C GLY B 210 -2.12 5.06 17.77
N GLY B 211 -1.06 5.29 16.99
CA GLY B 211 0.26 4.66 17.12
C GLY B 211 0.52 3.44 16.24
N GLU B 212 -0.47 2.81 15.60
CA GLU B 212 -0.17 1.69 14.64
C GLU B 212 0.61 2.20 13.41
N GLN B 213 1.60 1.42 12.93
CA GLN B 213 2.46 1.81 11.77
C GLN B 213 2.17 0.82 10.63
N ARG B 214 0.91 0.82 10.17
CA ARG B 214 0.41 0.01 9.04
C ARG B 214 -0.79 0.76 8.42
N VAL B 215 -1.28 0.28 7.29
CA VAL B 215 -2.39 0.97 6.57
C VAL B 215 -3.70 0.21 6.73
N SER B 216 -3.67 -1.02 7.25
CA SER B 216 -4.90 -1.79 7.62
C SER B 216 -5.93 -1.76 6.49
N ASN B 217 -5.50 -2.05 5.25
CA ASN B 217 -6.43 -2.25 4.10
C ASN B 217 -7.30 -1.00 3.90
N PHE B 218 -6.79 0.20 4.19
CA PHE B 218 -7.51 1.48 4.00
C PHE B 218 -7.52 1.80 2.50
N LEU B 219 -6.33 2.01 1.92
CA LEU B 219 -6.11 2.30 0.50
C LEU B 219 -4.88 1.48 0.14
N LEU B 220 -4.75 0.99 -1.10
CA LEU B 220 -3.58 0.20 -1.52
C LEU B 220 -2.99 0.81 -2.81
N TRP B 221 -3.72 0.74 -3.92
CA TRP B 221 -3.30 1.31 -5.24
C TRP B 221 -2.87 2.77 -5.08
N GLN B 222 -3.62 3.54 -4.32
CA GLN B 222 -3.51 5.01 -4.19
C GLN B 222 -2.27 5.42 -3.38
N LEU B 223 -1.64 4.49 -2.65
CA LEU B 223 -0.54 4.82 -1.70
C LEU B 223 0.85 4.57 -2.30
N ALA B 224 0.95 4.28 -3.59
CA ALA B 224 2.21 3.90 -4.26
C ALA B 224 3.35 4.88 -3.95
N TYR B 225 3.08 6.19 -3.86
CA TYR B 225 4.13 7.25 -3.72
C TYR B 225 3.80 8.15 -2.54
N THR B 226 2.80 7.81 -1.75
CA THR B 226 2.38 8.58 -0.54
C THR B 226 3.45 8.54 0.58
N GLU B 227 3.69 9.69 1.22
CA GLU B 227 4.54 9.85 2.42
C GLU B 227 3.75 9.35 3.62
N PHE B 228 4.34 8.53 4.47
CA PHE B 228 3.64 7.99 5.66
C PHE B 228 4.07 8.76 6.91
N TYR B 229 3.09 9.25 7.68
CA TYR B 229 3.29 9.91 9.01
C TYR B 229 2.45 9.19 10.07
N PHE B 230 3.09 8.56 11.03
CA PHE B 230 2.43 7.81 12.13
C PHE B 230 2.66 8.58 13.44
N THR B 231 1.61 8.87 14.21
CA THR B 231 1.71 9.57 15.53
C THR B 231 0.99 8.75 16.57
N ASN B 232 1.51 8.71 17.80
CA ASN B 232 0.86 8.07 18.96
C ASN B 232 -0.32 8.92 19.46
N THR B 233 -0.37 10.22 19.14
CA THR B 233 -1.53 11.09 19.45
C THR B 233 -2.83 10.37 19.07
N LEU B 234 -3.74 10.23 20.02
CA LEU B 234 -5.07 9.63 19.79
C LEU B 234 -5.92 10.64 19.02
N PHE B 235 -6.82 10.16 18.16
CA PHE B 235 -7.56 11.02 17.21
C PHE B 235 -8.26 12.17 17.95
N PRO B 236 -9.02 11.92 19.03
CA PRO B 236 -9.68 13.02 19.76
C PRO B 236 -8.73 14.10 20.30
N ASP B 237 -7.44 13.79 20.51
CA ASP B 237 -6.47 14.78 21.05
C ASP B 237 -5.76 15.46 19.89
N PHE B 238 -6.11 15.11 18.65
CA PHE B 238 -5.40 15.55 17.41
C PHE B 238 -5.93 16.93 17.01
N GLY B 239 -5.09 17.97 17.13
CA GLY B 239 -5.50 19.37 16.93
C GLY B 239 -4.63 20.06 15.90
N GLU B 240 -4.78 21.38 15.82
CA GLU B 240 -4.15 22.24 14.80
C GLU B 240 -2.61 22.11 14.90
N GLU B 241 -2.08 22.12 16.12
CA GLU B 241 -0.62 21.94 16.37
C GLU B 241 -0.19 20.56 15.83
N ASP B 242 -0.90 19.50 16.19
CA ASP B 242 -0.58 18.11 15.73
C ASP B 242 -0.53 18.07 14.18
N LEU B 243 -1.49 18.69 13.49
CA LEU B 243 -1.60 18.70 11.99
C LEU B 243 -0.47 19.52 11.39
N LYS B 244 -0.13 20.67 11.99
CA LYS B 244 0.97 21.54 11.49
C LYS B 244 2.33 20.84 11.70
N GLU B 245 2.45 20.03 12.75
CA GLU B 245 3.67 19.20 12.99
C GLU B 245 3.77 18.17 11.87
N ALA B 246 2.65 17.55 11.46
CA ALA B 246 2.64 16.56 10.36
C ALA B 246 3.05 17.25 9.05
N ILE B 247 2.44 18.40 8.76
CA ILE B 247 2.69 19.14 7.48
C ILE B 247 4.14 19.60 7.43
N MET B 248 4.67 20.18 8.51
CA MET B 248 6.08 20.68 8.59
C MET B 248 7.01 19.52 8.25
N ASN B 249 6.80 18.38 8.91
CA ASN B 249 7.52 17.09 8.71
C ASN B 249 7.53 16.71 7.22
N PHE B 250 6.38 16.81 6.53
CA PHE B 250 6.25 16.45 5.09
C PHE B 250 7.18 17.34 4.26
N GLN B 251 7.14 18.66 4.51
CA GLN B 251 7.97 19.67 3.78
C GLN B 251 9.46 19.37 3.94
N GLN B 252 9.92 19.03 5.17
CA GLN B 252 11.35 18.75 5.48
C GLN B 252 11.84 17.58 4.63
N ARG B 253 11.01 16.53 4.53
CA ARG B 253 11.30 15.28 3.78
C ARG B 253 11.56 15.61 2.31
N HIS B 254 10.71 16.46 1.72
CA HIS B 254 10.79 16.89 0.31
C HIS B 254 12.11 17.63 0.05
N ARG B 255 12.65 18.31 1.08
CA ARG B 255 13.93 19.08 1.07
C ARG B 255 13.72 20.37 0.25
C1 EDO C . 14.22 8.43 -7.15
O1 EDO C . 14.32 9.69 -6.50
C2 EDO C . 15.06 7.39 -6.49
O2 EDO C . 14.48 6.09 -6.52
C1 MLT D . 16.09 -0.14 -3.95
O1 MLT D . 17.32 -0.41 -3.94
O2 MLT D . 15.23 -0.97 -3.58
C2 MLT D . 15.66 1.23 -4.44
O3 MLT D . 15.76 2.23 -3.40
C3 MLT D . 14.24 1.19 -4.97
C4 MLT D . 13.74 2.60 -5.10
O4 MLT D . 14.35 3.41 -5.85
O5 MLT D . 12.73 2.91 -4.43
C1 EDO E . 20.32 5.68 -2.10
O1 EDO E . 20.68 7.04 -2.10
C2 EDO E . 20.10 5.02 -3.44
O2 EDO E . 20.20 3.57 -3.49
C1 EDO F . 17.90 -0.61 12.62
O1 EDO F . 17.12 -1.59 12.02
C2 EDO F . 18.61 0.18 11.59
O2 EDO F . 19.85 0.63 12.03
C1 EDO G . 6.11 -15.20 -4.85
O1 EDO G . 6.65 -14.04 -5.49
C2 EDO G . 4.63 -15.43 -4.99
O2 EDO G . 3.92 -15.90 -3.85
C1 EDO H . 5.86 -13.31 -2.29
O1 EDO H . 6.87 -12.46 -2.86
C2 EDO H . 6.22 -14.64 -1.64
O2 EDO H . 5.09 -15.32 -1.02
C1 EDO I . -12.16 -5.93 1.61
O1 EDO I . -11.73 -4.62 1.32
C2 EDO I . -13.43 -6.42 0.96
O2 EDO I . -13.25 -7.24 -0.21
C1 EDO J . -8.41 -4.77 15.31
O1 EDO J . -7.12 -4.86 15.89
C2 EDO J . -8.37 -4.65 13.83
O2 EDO J . -8.66 -3.34 13.33
C1 MLT K . -10.79 3.90 11.85
O1 MLT K . -10.11 4.91 11.56
O2 MLT K . -12.04 3.90 11.76
C2 MLT K . -10.10 2.65 12.34
O3 MLT K . -8.79 2.95 12.83
C3 MLT K . -9.97 1.59 11.24
C4 MLT K . -9.49 0.29 11.87
O4 MLT K . -9.98 -0.81 11.51
O5 MLT K . -8.60 0.37 12.74
C1 EDO L . 4.75 10.85 17.87
O1 EDO L . 3.85 9.95 18.47
C2 EDO L . 4.19 12.21 17.63
O2 EDO L . 4.27 12.66 16.27
#